data_7LA7
#
_entry.id   7LA7
#
_cell.length_a   52.450
_cell.length_b   38.276
_cell.length_c   78.690
_cell.angle_alpha   90.000
_cell.angle_beta   103.794
_cell.angle_gamma   90.000
#
_symmetry.space_group_name_H-M   'C 1 2 1'
#
loop_
_entity.id
_entity.type
_entity.pdbx_description
1 polymer 'variable lymphocyte receptor O6'
2 non-polymer 'PHOSPHATE ION'
3 water water
#
_entity_poly.entity_id   1
_entity_poly.type   'polypeptide(L)'
_entity_poly.pdbx_seq_one_letter_code
;DRSPGHHHHHHGGCPSQCSCSGTDVNCDGARFASVPAAIPITTQRLWLSNNQLTKLDPGVFDSLTQLTTLYLSNNQLTAL
PAGVFDKLTQLKELGLDQNQLKSIPDGAFARLPSLTHVWLHTNPWDCQCTDILYLSGWVAQHSSIVGEGWLRSWTVNPDN
AKCSGTNTPVRAVTEASTSPSKCP
;
_entity_poly.pdbx_strand_id   A
#
# COMPACT_ATOMS: atom_id res chain seq x y z
N HIS A 7 19.18 -26.17 11.48
CA HIS A 7 19.06 -27.49 10.88
C HIS A 7 19.84 -27.59 9.57
N HIS A 8 20.68 -28.62 9.45
CA HIS A 8 21.61 -28.75 8.33
C HIS A 8 20.86 -29.00 7.01
N HIS A 9 21.07 -28.12 6.03
CA HIS A 9 20.48 -28.28 4.70
C HIS A 9 18.98 -28.50 4.79
N HIS A 10 18.31 -27.62 5.54
CA HIS A 10 16.87 -27.77 5.78
C HIS A 10 16.29 -26.41 6.10
N HIS A 11 15.28 -25.99 5.34
CA HIS A 11 14.60 -24.75 5.65
C HIS A 11 13.11 -25.01 5.85
N GLY A 12 12.43 -24.04 6.47
CA GLY A 12 11.02 -24.17 6.82
C GLY A 12 10.06 -24.18 5.65
N CYS A 14 7.66 -22.37 2.79
CA CYS A 14 7.60 -21.38 1.71
C CYS A 14 6.51 -21.69 0.69
N PRO A 15 5.66 -20.70 0.38
CA PRO A 15 4.62 -20.89 -0.63
C PRO A 15 5.19 -21.26 -1.98
N SER A 16 4.51 -22.17 -2.68
CA SER A 16 4.97 -22.58 -4.00
C SER A 16 5.03 -21.39 -4.94
N GLN A 17 6.08 -21.36 -5.77
CA GLN A 17 6.43 -20.28 -6.70
C GLN A 17 7.02 -19.06 -6.01
N CYS A 18 7.09 -19.04 -4.68
CA CYS A 18 7.77 -17.96 -3.98
C CYS A 18 9.16 -18.43 -3.55
N SER A 19 10.00 -17.49 -3.19
CA SER A 19 11.32 -17.76 -2.62
CA SER A 19 11.30 -17.79 -2.61
C SER A 19 11.40 -17.19 -1.22
N CYS A 20 11.97 -17.95 -0.30
CA CYS A 20 12.01 -17.55 1.10
C CYS A 20 13.43 -17.65 1.62
N SER A 21 13.80 -16.69 2.47
CA SER A 21 15.07 -16.73 3.20
C SER A 21 14.90 -16.01 4.51
N GLY A 22 15.27 -16.68 5.61
CA GLY A 22 15.01 -16.12 6.92
C GLY A 22 13.55 -15.76 7.11
N THR A 23 13.27 -14.49 7.40
CA THR A 23 11.90 -14.02 7.51
C THR A 23 11.49 -13.18 6.29
N ASP A 24 12.19 -13.33 5.17
CA ASP A 24 11.81 -12.70 3.90
C ASP A 24 11.01 -13.70 3.07
N VAL A 25 9.90 -13.25 2.50
CA VAL A 25 9.09 -14.06 1.61
C VAL A 25 8.91 -13.28 0.31
N ASN A 26 9.50 -13.77 -0.77
CA ASN A 26 9.47 -13.07 -2.06
C ASN A 26 8.50 -13.79 -2.99
N CYS A 27 7.29 -13.24 -3.13
CA CYS A 27 6.27 -13.75 -4.02
C CYS A 27 6.05 -12.81 -5.20
N ASP A 28 7.05 -12.00 -5.51
CA ASP A 28 6.95 -11.02 -6.58
C ASP A 28 7.02 -11.72 -7.94
N GLY A 29 6.08 -11.42 -8.81
CA GLY A 29 6.17 -11.90 -10.18
C GLY A 29 5.77 -13.33 -10.36
N ALA A 30 4.96 -13.88 -9.48
CA ALA A 30 4.45 -15.23 -9.68
C ALA A 30 3.08 -15.25 -10.37
N ARG A 31 2.64 -14.11 -10.92
CA ARG A 31 1.21 -13.86 -11.22
C ARG A 31 0.42 -13.82 -9.92
N ALA A 33 -2.83 -14.04 -9.16
CA ALA A 33 -4.13 -13.39 -9.21
C ALA A 33 -4.76 -13.36 -7.82
N SER A 34 -4.12 -14.09 -6.89
CA SER A 34 -4.60 -14.21 -5.53
C SER A 34 -3.39 -14.39 -4.62
N VAL A 35 -3.51 -13.96 -3.38
CA VAL A 35 -2.39 -14.08 -2.42
C VAL A 35 -2.18 -15.54 -2.08
N PRO A 36 -0.95 -16.07 -2.18
CA PRO A 36 -0.73 -17.48 -1.85
C PRO A 36 -1.10 -17.79 -0.41
N ALA A 37 -1.53 -19.03 -0.20
CA ALA A 37 -1.80 -19.54 1.13
C ALA A 37 -0.50 -19.89 1.86
N ALA A 38 -0.59 -19.92 3.19
CA ALA A 38 0.47 -20.45 4.05
C ALA A 38 1.75 -19.62 3.98
N ILE A 39 1.60 -18.31 3.95
CA ILE A 39 2.75 -17.46 4.23
C ILE A 39 3.07 -17.57 5.72
N PRO A 40 4.31 -17.88 6.11
CA PRO A 40 4.59 -18.16 7.52
C PRO A 40 4.25 -16.98 8.42
N ILE A 41 3.70 -17.26 9.60
CA ILE A 41 3.27 -16.17 10.46
C ILE A 41 4.44 -15.42 11.08
N THR A 42 5.66 -15.95 10.94
CA THR A 42 6.85 -15.25 11.39
C THR A 42 7.43 -14.31 10.34
N THR A 43 6.78 -14.21 9.19
CA THR A 43 7.32 -13.40 8.10
C THR A 43 7.43 -11.94 8.51
N GLN A 44 8.58 -11.33 8.25
CA GLN A 44 8.76 -9.90 8.48
C GLN A 44 8.76 -9.05 7.21
N ARG A 45 9.24 -9.57 6.08
CA ARG A 45 9.19 -8.80 4.84
C ARG A 45 8.51 -9.64 3.77
N LEU A 46 7.50 -9.07 3.12
CA LEU A 46 6.65 -9.80 2.17
C LEU A 46 6.54 -9.01 0.87
N TRP A 47 6.97 -9.62 -0.23
CA TRP A 47 6.78 -9.04 -1.57
C TRP A 47 5.60 -9.71 -2.27
N LEU A 48 4.57 -8.91 -2.59
CA LEU A 48 3.45 -9.38 -3.40
C LEU A 48 3.31 -8.56 -4.67
N SER A 49 4.37 -7.84 -5.03
CA SER A 49 4.38 -6.97 -6.19
C SER A 49 4.40 -7.76 -7.49
N ASN A 50 3.98 -7.10 -8.56
CA ASN A 50 4.13 -7.66 -9.91
C ASN A 50 3.34 -8.95 -10.06
N ASN A 51 2.14 -8.96 -9.50
CA ASN A 51 1.27 -10.11 -9.64
C ASN A 51 0.02 -9.66 -10.36
N GLN A 52 -1.05 -10.39 -10.24
CA GLN A 52 -2.21 -10.00 -11.01
C GLN A 52 -3.33 -9.51 -10.14
N LEU A 53 -3.00 -8.92 -8.98
CA LEU A 53 -4.03 -8.71 -7.98
C LEU A 53 -4.90 -7.51 -8.34
N THR A 54 -6.22 -7.72 -8.37
CA THR A 54 -7.14 -6.59 -8.51
C THR A 54 -7.93 -6.33 -7.25
N LYS A 55 -7.95 -7.28 -6.31
CA LYS A 55 -8.59 -7.11 -5.02
C LYS A 55 -7.83 -7.97 -4.01
N LEU A 56 -8.11 -7.76 -2.73
CA LEU A 56 -7.58 -8.59 -1.66
C LEU A 56 -8.72 -9.16 -0.84
N ASP A 57 -8.57 -10.38 -0.37
CA ASP A 57 -9.51 -10.92 0.62
C ASP A 57 -9.41 -10.11 1.91
N PRO A 58 -10.53 -9.68 2.49
CA PRO A 58 -10.44 -9.02 3.80
C PRO A 58 -9.79 -9.98 4.78
N GLY A 59 -8.94 -9.48 5.64
CA GLY A 59 -8.31 -10.36 6.60
C GLY A 59 -7.10 -11.14 6.09
N VAL A 60 -6.74 -11.00 4.80
CA VAL A 60 -5.68 -11.82 4.21
C VAL A 60 -4.37 -11.71 5.01
N PHE A 61 -4.08 -10.55 5.59
CA PHE A 61 -2.83 -10.30 6.32
C PHE A 61 -2.95 -10.43 7.83
N ASP A 62 -4.11 -10.83 8.35
CA ASP A 62 -4.37 -10.66 9.78
C ASP A 62 -3.46 -11.52 10.66
N SER A 63 -2.95 -12.63 10.14
CA SER A 63 -2.04 -13.46 10.92
C SER A 63 -0.59 -13.00 10.82
N LEU A 64 -0.28 -12.10 9.90
CA LEU A 64 1.11 -11.75 9.64
C LEU A 64 1.52 -10.55 10.50
N THR A 65 1.40 -10.73 11.84
CA THR A 65 1.49 -9.60 12.76
C THR A 65 2.90 -9.09 12.92
N GLN A 66 3.91 -9.82 12.45
CA GLN A 66 5.28 -9.39 12.57
C GLN A 66 5.80 -8.66 11.32
N LEU A 67 4.94 -8.41 10.33
CA LEU A 67 5.40 -7.74 9.11
C LEU A 67 5.96 -6.35 9.41
N THR A 68 7.11 -6.07 8.83
CA THR A 68 7.66 -4.71 8.85
C THR A 68 7.74 -4.11 7.47
N THR A 69 7.75 -4.93 6.41
CA THR A 69 7.73 -4.47 5.02
C THR A 69 6.65 -5.23 4.25
N LEU A 70 5.78 -4.50 3.54
CA LEU A 70 4.76 -5.12 2.67
C LEU A 70 4.74 -4.40 1.34
N TYR A 71 4.99 -5.13 0.24
CA TYR A 71 4.99 -4.55 -1.10
C TYR A 71 3.82 -5.08 -1.90
N LEU A 72 2.93 -4.18 -2.32
CA LEU A 72 1.81 -4.53 -3.19
C LEU A 72 1.89 -3.76 -4.50
N SER A 73 3.06 -3.20 -4.78
CA SER A 73 3.26 -2.33 -5.93
C SER A 73 3.09 -3.09 -7.23
N ASN A 74 2.71 -2.36 -8.28
CA ASN A 74 2.60 -2.91 -9.64
C ASN A 74 1.73 -4.17 -9.67
N ASN A 75 0.57 -4.06 -9.06
CA ASN A 75 -0.55 -4.92 -9.35
C ASN A 75 -1.57 -4.11 -10.14
N GLN A 76 -2.82 -4.53 -10.10
CA GLN A 76 -3.89 -3.76 -10.71
C GLN A 76 -4.99 -3.55 -9.68
N LEU A 77 -4.59 -3.26 -8.44
CA LEU A 77 -5.57 -3.21 -7.35
C LEU A 77 -6.56 -2.09 -7.59
N THR A 78 -7.87 -2.44 -7.55
CA THR A 78 -8.95 -1.49 -7.79
C THR A 78 -9.53 -0.91 -6.51
N ALA A 79 -9.30 -1.58 -5.40
CA ALA A 79 -9.83 -1.19 -4.10
C ALA A 79 -9.10 -2.01 -3.06
N LEU A 80 -9.03 -1.45 -1.85
CA LEU A 80 -8.60 -2.22 -0.68
C LEU A 80 -9.78 -2.46 0.25
N PRO A 81 -9.85 -3.62 0.89
CA PRO A 81 -10.96 -3.84 1.85
C PRO A 81 -10.67 -3.07 3.13
N ALA A 82 -11.74 -2.52 3.72
CA ALA A 82 -11.63 -1.85 5.01
C ALA A 82 -10.90 -2.73 6.02
N GLY A 83 -9.98 -2.12 6.78
CA GLY A 83 -9.27 -2.82 7.84
C GLY A 83 -8.17 -3.77 7.43
N VAL A 84 -7.81 -3.82 6.15
CA VAL A 84 -6.93 -4.88 5.68
C VAL A 84 -5.54 -4.82 6.32
N PHE A 85 -5.12 -3.67 6.84
CA PHE A 85 -3.80 -3.52 7.46
C PHE A 85 -3.85 -3.41 8.98
N ASP A 86 -5.02 -3.61 9.59
CA ASP A 86 -5.25 -3.26 11.00
C ASP A 86 -4.33 -4.04 11.96
N LYS A 87 -3.90 -5.23 11.56
CA LYS A 87 -3.09 -6.07 12.44
C LYS A 87 -1.59 -5.87 12.24
N LEU A 88 -1.20 -5.07 11.26
CA LEU A 88 0.21 -4.98 10.89
C LEU A 88 0.88 -3.83 11.64
N THR A 89 0.75 -3.84 12.96
CA THR A 89 1.08 -2.67 13.74
C THR A 89 2.59 -2.38 13.75
N GLN A 90 3.42 -3.31 13.29
CA GLN A 90 4.86 -3.09 13.26
C GLN A 90 5.36 -2.68 11.88
N LEU A 91 4.44 -2.44 10.95
CA LEU A 91 4.81 -2.14 9.58
C LEU A 91 5.62 -0.84 9.51
N LYS A 92 6.74 -0.85 8.79
CA LYS A 92 7.52 0.35 8.53
C LYS A 92 7.47 0.81 7.08
N GLU A 93 7.29 -0.12 6.15
CA GLU A 93 7.33 0.16 4.72
C GLU A 93 6.09 -0.44 4.07
N LEU A 94 5.35 0.38 3.31
CA LEU A 94 4.10 -0.06 2.69
C LEU A 94 4.07 0.47 1.27
N GLY A 95 4.16 -0.43 0.29
CA GLY A 95 4.18 -0.05 -1.11
C GLY A 95 2.86 -0.33 -1.81
N LEU A 96 2.21 0.75 -2.26
CA LEU A 96 0.94 0.63 -2.94
C LEU A 96 0.97 1.32 -4.30
N ASP A 97 2.15 1.76 -4.74
CA ASP A 97 2.27 2.50 -6.00
C ASP A 97 2.03 1.60 -7.21
N GLN A 98 1.64 2.24 -8.31
CA GLN A 98 1.45 1.55 -9.59
C GLN A 98 0.34 0.52 -9.47
N ASN A 99 -0.82 1.01 -9.08
CA ASN A 99 -2.04 0.20 -9.01
C ASN A 99 -3.17 0.99 -9.67
N GLN A 100 -4.42 0.59 -9.42
CA GLN A 100 -5.58 1.27 -9.98
C GLN A 100 -6.48 1.82 -8.88
N LEU A 101 -5.87 2.25 -7.77
CA LEU A 101 -6.65 2.70 -6.62
C LEU A 101 -7.23 4.10 -6.84
N LYS A 102 -8.48 4.29 -6.43
CA LYS A 102 -9.13 5.59 -6.56
C LYS A 102 -9.29 6.30 -5.22
N SER A 103 -9.25 5.53 -4.11
CA SER A 103 -9.30 6.07 -2.76
C SER A 103 -8.79 4.99 -1.81
N ILE A 104 -8.67 5.35 -0.54
CA ILE A 104 -8.27 4.44 0.53
C ILE A 104 -9.41 4.39 1.53
N PRO A 105 -9.84 3.22 2.01
CA PRO A 105 -10.93 3.18 3.00
C PRO A 105 -10.57 3.93 4.28
N ASP A 106 -11.57 4.60 4.84
CA ASP A 106 -11.40 5.42 6.03
C ASP A 106 -10.68 4.62 7.12
N GLY A 107 -9.65 5.22 7.70
CA GLY A 107 -8.96 4.57 8.81
C GLY A 107 -7.92 3.52 8.44
N ALA A 108 -7.65 3.32 7.14
CA ALA A 108 -6.86 2.15 6.75
C ALA A 108 -5.45 2.15 7.31
N PHE A 109 -4.86 3.32 7.53
CA PHE A 109 -3.49 3.44 8.06
C PHE A 109 -3.45 3.80 9.53
N ALA A 110 -4.60 3.83 10.21
CA ALA A 110 -4.65 4.38 11.56
C ALA A 110 -3.87 3.53 12.55
N ARG A 111 -3.74 2.24 12.29
CA ARG A 111 -3.07 1.36 13.25
C ARG A 111 -1.64 1.05 12.85
N LEU A 112 -1.03 1.93 12.05
CA LEU A 112 0.33 1.74 11.52
C LEU A 112 1.24 2.85 12.02
N PRO A 113 1.54 2.89 13.32
CA PRO A 113 2.26 4.06 13.85
C PRO A 113 3.74 4.10 13.47
N SER A 114 4.31 3.00 13.00
CA SER A 114 5.75 2.91 12.79
C SER A 114 6.17 3.12 11.33
N LEU A 115 5.23 3.48 10.45
CA LEU A 115 5.56 3.72 9.04
C LEU A 115 6.63 4.79 8.88
N THR A 116 7.61 4.49 8.03
CA THR A 116 8.65 5.44 7.62
C THR A 116 8.76 5.58 6.11
N HIS A 117 8.32 4.59 5.33
CA HIS A 117 8.33 4.65 3.86
C HIS A 117 6.96 4.21 3.37
N VAL A 118 6.27 5.09 2.62
CA VAL A 118 5.00 4.76 2.01
C VAL A 118 5.05 5.22 0.57
N TRP A 119 4.64 4.34 -0.35
CA TRP A 119 4.60 4.66 -1.77
C TRP A 119 3.14 4.64 -2.20
N LEU A 120 2.65 5.77 -2.74
CA LEU A 120 1.27 5.89 -3.18
C LEU A 120 1.14 6.37 -4.62
N HIS A 121 2.26 6.66 -5.29
CA HIS A 121 2.20 7.32 -6.58
C HIS A 121 1.73 6.37 -7.67
N THR A 122 1.44 6.94 -8.84
CA THR A 122 1.02 6.16 -10.00
C THR A 122 -0.24 5.34 -9.65
N ASN A 123 -1.20 6.01 -9.05
CA ASN A 123 -2.58 5.53 -8.90
C ASN A 123 -3.52 6.62 -9.38
N PRO A 124 -4.67 6.24 -9.91
CA PRO A 124 -5.65 7.21 -10.46
C PRO A 124 -6.56 7.78 -9.38
N TRP A 125 -5.97 8.46 -8.39
CA TRP A 125 -6.77 8.92 -7.25
C TRP A 125 -7.88 9.83 -7.72
N ASP A 126 -9.11 9.61 -7.25
CA ASP A 126 -10.27 10.34 -7.74
C ASP A 126 -10.56 11.48 -6.77
N CYS A 127 -10.03 12.66 -7.05
CA CYS A 127 -10.07 13.71 -6.04
C CYS A 127 -11.36 14.49 -6.01
N GLN A 128 -12.23 14.32 -6.99
CA GLN A 128 -13.52 15.00 -6.92
C GLN A 128 -14.51 14.24 -6.06
N CYS A 129 -14.26 12.96 -5.81
CA CYS A 129 -15.19 12.11 -5.06
C CYS A 129 -14.92 12.25 -3.57
N THR A 130 -15.98 12.36 -2.80
CA THR A 130 -15.93 12.41 -1.34
C THR A 130 -14.97 11.41 -0.70
N ASP A 131 -14.81 10.22 -1.30
CA ASP A 131 -14.05 9.16 -0.65
C ASP A 131 -12.56 9.44 -0.61
N ILE A 132 -12.06 10.47 -1.30
CA ILE A 132 -10.63 10.78 -1.27
C ILE A 132 -10.21 11.36 0.07
N LEU A 133 -11.15 11.87 0.89
CA LEU A 133 -10.75 12.76 1.98
C LEU A 133 -9.95 12.07 3.07
N TYR A 134 -10.17 10.77 3.32
CA TYR A 134 -9.29 10.12 4.29
C TYR A 134 -7.84 10.18 3.82
N LEU A 135 -7.60 9.80 2.55
CA LEU A 135 -6.22 9.79 2.05
C LEU A 135 -5.64 11.20 2.00
N SER A 136 -6.43 12.20 1.57
CA SER A 136 -5.94 13.56 1.51
CA SER A 136 -5.91 13.55 1.50
C SER A 136 -5.49 14.05 2.88
N GLY A 137 -6.31 13.80 3.91
CA GLY A 137 -5.93 14.22 5.24
C GLY A 137 -4.73 13.45 5.75
N TRP A 138 -4.67 12.16 5.44
CA TRP A 138 -3.56 11.33 5.92
C TRP A 138 -2.24 11.80 5.31
N VAL A 139 -2.21 12.05 3.99
CA VAL A 139 -0.97 12.50 3.37
C VAL A 139 -0.58 13.87 3.92
N ALA A 140 -1.56 14.76 4.08
CA ALA A 140 -1.28 16.07 4.62
C ALA A 140 -0.67 16.01 6.01
N GLN A 141 -1.05 15.01 6.81
CA GLN A 141 -0.53 14.91 8.17
C GLN A 141 0.73 14.05 8.29
N HIS A 142 1.06 13.23 7.27
CA HIS A 142 2.21 12.34 7.28
C HIS A 142 3.09 12.59 6.07
N SER A 143 3.36 13.87 5.78
CA SER A 143 3.98 14.13 4.49
C SER A 143 5.42 13.63 4.43
N SER A 144 6.12 13.55 5.55
CA SER A 144 7.54 13.23 5.51
C SER A 144 7.82 11.74 5.33
N ILE A 145 6.79 10.91 5.12
CA ILE A 145 7.03 9.50 4.85
C ILE A 145 6.56 9.05 3.49
N VAL A 146 5.94 9.94 2.69
CA VAL A 146 5.40 9.57 1.37
C VAL A 146 6.45 9.85 0.31
N GLY A 147 6.87 8.82 -0.45
CA GLY A 147 7.98 9.01 -1.36
C GLY A 147 8.01 8.13 -2.60
N GLU A 148 9.22 8.01 -3.17
CA GLU A 148 9.42 7.27 -4.40
C GLU A 148 10.85 6.75 -4.39
N GLY A 149 11.12 5.71 -5.17
CA GLY A 149 12.47 5.19 -5.24
C GLY A 149 12.76 4.17 -4.17
N TRP A 150 14.01 3.74 -4.11
CA TRP A 150 14.39 2.62 -3.27
C TRP A 150 15.85 2.77 -2.87
N LEU A 151 16.12 2.67 -1.55
CA LEU A 151 17.48 2.74 -1.03
C LEU A 151 18.16 4.02 -1.50
N ARG A 152 19.20 3.89 -2.33
CA ARG A 152 19.95 5.08 -2.77
C ARG A 152 19.06 6.09 -3.51
N SER A 153 17.98 5.63 -4.14
CA SER A 153 17.14 6.54 -4.89
C SER A 153 15.89 6.96 -4.12
N TRP A 154 15.76 6.53 -2.87
CA TRP A 154 14.59 6.90 -2.08
C TRP A 154 14.59 8.40 -1.83
N THR A 155 13.46 9.03 -2.11
CA THR A 155 13.28 10.45 -1.92
CA THR A 155 13.28 10.46 -1.91
C THR A 155 11.85 10.71 -1.47
N VAL A 156 11.69 11.55 -0.48
CA VAL A 156 10.35 11.91 -0.04
C VAL A 156 9.80 13.00 -0.95
N ASN A 157 8.52 12.85 -1.31
CA ASN A 157 7.88 13.67 -2.30
C ASN A 157 6.38 13.46 -2.14
N PRO A 158 5.78 14.08 -1.11
CA PRO A 158 4.35 13.85 -0.85
C PRO A 158 3.43 14.33 -1.94
N ASP A 159 3.88 15.23 -2.79
CA ASP A 159 3.05 15.67 -3.90
C ASP A 159 3.00 14.66 -5.05
N ASN A 160 3.69 13.52 -4.94
CA ASN A 160 3.60 12.54 -6.05
C ASN A 160 2.37 11.64 -5.93
N ALA A 161 1.56 11.80 -4.89
CA ALA A 161 0.23 11.19 -4.87
C ALA A 161 -0.69 12.21 -5.52
N LYS A 162 -1.13 11.95 -6.74
CA LYS A 162 -1.71 12.96 -7.62
C LYS A 162 -3.13 12.62 -8.02
N CYS A 163 -3.93 13.67 -8.22
CA CYS A 163 -5.32 13.55 -8.61
C CYS A 163 -5.39 13.21 -10.09
N SER A 164 -6.12 12.15 -10.43
CA SER A 164 -6.25 11.76 -11.82
C SER A 164 -6.92 12.88 -12.59
N GLY A 165 -6.37 13.23 -13.75
CA GLY A 165 -6.97 14.17 -14.66
C GLY A 165 -6.56 15.62 -14.46
N THR A 166 -6.24 16.04 -13.24
CA THR A 166 -5.71 17.39 -13.00
C THR A 166 -4.26 17.42 -12.57
N ASN A 167 -3.75 16.34 -11.98
CA ASN A 167 -2.38 16.22 -11.46
CA ASN A 167 -2.36 16.27 -11.52
C ASN A 167 -2.12 17.11 -10.26
N THR A 168 -3.14 17.60 -9.66
CA THR A 168 -3.06 18.30 -8.39
CA THR A 168 -2.95 18.30 -8.41
C THR A 168 -2.72 17.30 -7.27
N PRO A 169 -1.95 17.69 -6.26
CA PRO A 169 -1.61 16.73 -5.20
C PRO A 169 -2.82 16.39 -4.33
N VAL A 170 -2.98 15.11 -4.04
CA VAL A 170 -4.08 14.63 -3.19
C VAL A 170 -4.08 15.33 -1.84
N ARG A 171 -2.90 15.67 -1.31
CA ARG A 171 -2.91 16.25 0.03
CA ARG A 171 -2.82 16.29 0.01
C ARG A 171 -3.47 17.67 0.07
N ALA A 172 -3.66 18.33 -1.09
CA ALA A 172 -4.24 19.67 -1.12
C ALA A 172 -5.77 19.66 -1.22
N VAL A 173 -6.40 18.49 -1.33
CA VAL A 173 -7.86 18.43 -1.48
C VAL A 173 -8.54 18.56 -0.13
N THR A 174 -9.50 19.49 -0.01
CA THR A 174 -10.26 19.65 1.22
C THR A 174 -11.73 19.36 0.97
N GLU A 175 -12.52 19.26 2.05
CA GLU A 175 -13.87 18.73 1.92
C GLU A 175 -14.72 19.58 0.98
N ALA A 176 -14.53 20.89 1.00
CA ALA A 176 -15.46 21.76 0.30
C ALA A 176 -15.35 21.68 -1.22
N SER A 177 -14.32 21.05 -1.75
CA SER A 177 -14.20 20.89 -3.19
CA SER A 177 -14.15 20.87 -3.18
C SER A 177 -14.74 19.56 -3.71
N THR A 178 -15.18 18.66 -2.83
CA THR A 178 -15.57 17.32 -3.24
C THR A 178 -17.09 17.24 -3.41
N SER A 179 -17.53 16.17 -4.07
CA SER A 179 -18.95 15.92 -4.16
C SER A 179 -19.26 14.44 -4.14
N PRO A 180 -20.28 14.03 -3.40
CA PRO A 180 -20.67 12.62 -3.45
C PRO A 180 -21.10 12.17 -4.83
N SER A 181 -21.66 13.07 -5.64
CA SER A 181 -22.12 12.72 -6.98
C SER A 181 -20.98 12.35 -7.92
N LYS A 182 -19.75 12.70 -7.59
CA LYS A 182 -18.60 12.32 -8.39
C LYS A 182 -18.00 10.97 -7.97
N CYS A 183 -18.68 10.22 -7.10
CA CYS A 183 -18.21 8.88 -6.74
C CYS A 183 -18.78 7.80 -7.67
#